data_1OUV
#
_entry.id   1OUV
#
_cell.length_a   102.982
_cell.length_b   46.198
_cell.length_c   76.390
_cell.angle_alpha   90.00
_cell.angle_beta   120.95
_cell.angle_gamma   90.00
#
_symmetry.space_group_name_H-M   'C 1 2 1'
#
loop_
_entity.id
_entity.type
_entity.pdbx_description
1 polymer 'conserved hypothetical secreted protein'
2 water water
#
_entity_poly.entity_id   1
_entity_poly.type   'polypeptide(L)'
_entity_poly.pdbx_seq_one_letter_code
;MAEQDPKELVGLGAKSYKEKDFTQAKKYFEKACDLKENSGCFNLGVLYYQGQGVEKNLKKAASFYAKACDLNYSNGCHLL
GNLYYSGQGVSQNTNKALQYYSKACDLKYAEGCASLGGIYHDGKVVTRDFKKAVEYFTKACDLNDGDGCTILGSLYDAGR
GTPKDLKKALASYDKACDLKDSPGCFNAGNMYHHGEGATKNFKEALARYSKACELENGGGCFNLGAMQYNGEGVTRNEKQ
AIENFKKGCKLGAKGACDILKQLKIKVHHHHHH
;
_entity_poly.pdbx_strand_id   A
#
# COMPACT_ATOMS: atom_id res chain seq x y z
N ASP A 5 29.77 -9.07 -15.78
CA ASP A 5 30.14 -7.72 -16.28
C ASP A 5 28.91 -6.81 -16.38
N PRO A 6 27.84 -7.29 -17.02
CA PRO A 6 26.62 -6.48 -17.15
C PRO A 6 26.08 -6.07 -15.78
N LYS A 7 26.14 -6.99 -14.83
CA LYS A 7 25.66 -6.72 -13.48
C LYS A 7 26.55 -5.64 -12.86
N GLU A 8 27.85 -5.77 -13.09
CA GLU A 8 28.83 -4.82 -12.57
C GLU A 8 28.64 -3.44 -13.20
N LEU A 9 28.27 -3.42 -14.48
CA LEU A 9 28.04 -2.16 -15.18
C LEU A 9 26.89 -1.41 -14.53
N VAL A 10 25.83 -2.13 -14.16
CA VAL A 10 24.68 -1.48 -13.52
C VAL A 10 25.09 -0.89 -12.17
N GLY A 11 25.97 -1.60 -11.48
CA GLY A 11 26.44 -1.11 -10.19
C GLY A 11 27.23 0.18 -10.36
N LEU A 12 28.09 0.22 -11.35
CA LEU A 12 28.87 1.42 -11.61
C LEU A 12 27.93 2.57 -11.96
N GLY A 13 26.89 2.26 -12.74
CA GLY A 13 25.94 3.28 -13.11
C GLY A 13 25.20 3.81 -11.89
N ALA A 14 24.81 2.91 -10.99
CA ALA A 14 24.10 3.31 -9.78
C ALA A 14 24.97 4.21 -8.91
N LYS A 15 26.27 3.93 -8.89
CA LYS A 15 27.21 4.72 -8.10
C LYS A 15 27.31 6.12 -8.70
N SER A 16 27.45 6.20 -10.02
CA SER A 16 27.53 7.50 -10.67
C SER A 16 26.24 8.26 -10.44
N TYR A 17 25.11 7.54 -10.45
CA TYR A 17 23.81 8.17 -10.23
C TYR A 17 23.75 8.83 -8.85
N LYS A 18 24.20 8.13 -7.81
CA LYS A 18 24.18 8.71 -6.47
C LYS A 18 25.04 9.97 -6.36
N GLU A 19 26.12 10.03 -7.13
CA GLU A 19 27.00 11.21 -7.12
C GLU A 19 26.42 12.31 -8.00
N LYS A 20 25.27 12.01 -8.61
CA LYS A 20 24.58 12.92 -9.53
C LYS A 20 25.36 13.10 -10.82
N ASP A 21 26.21 12.13 -11.15
CA ASP A 21 26.96 12.15 -12.41
C ASP A 21 26.04 11.36 -13.34
N PHE A 22 24.96 12.00 -13.77
CA PHE A 22 23.97 11.38 -14.63
C PHE A 22 24.50 11.03 -16.01
N THR A 23 25.45 11.81 -16.50
CA THR A 23 26.04 11.56 -17.81
C THR A 23 26.71 10.20 -17.83
N GLN A 24 27.56 9.95 -16.84
CA GLN A 24 28.26 8.66 -16.77
C GLN A 24 27.26 7.55 -16.42
N ALA A 25 26.31 7.85 -15.55
CA ALA A 25 25.31 6.86 -15.18
C ALA A 25 24.59 6.36 -16.43
N LYS A 26 24.23 7.29 -17.31
CA LYS A 26 23.55 6.92 -18.54
C LYS A 26 24.42 5.99 -19.41
N LYS A 27 25.70 6.31 -19.51
CA LYS A 27 26.62 5.49 -20.31
C LYS A 27 26.68 4.05 -19.77
N TYR A 28 26.76 3.92 -18.45
CA TYR A 28 26.82 2.59 -17.83
C TYR A 28 25.53 1.82 -18.05
N PHE A 29 24.39 2.49 -17.86
CA PHE A 29 23.08 1.86 -18.04
C PHE A 29 22.84 1.47 -19.51
N GLU A 30 23.33 2.29 -20.43
CA GLU A 30 23.18 2.00 -21.85
C GLU A 30 23.93 0.71 -22.14
N LYS A 31 25.18 0.63 -21.68
CA LYS A 31 26.01 -0.56 -21.89
C LYS A 31 25.39 -1.81 -21.27
N ALA A 32 24.85 -1.66 -20.07
CA ALA A 32 24.24 -2.80 -19.40
C ALA A 32 22.98 -3.23 -20.13
N CYS A 33 22.16 -2.27 -20.53
CA CYS A 33 20.93 -2.60 -21.23
C CYS A 33 21.22 -3.24 -22.60
N ASP A 34 22.33 -2.82 -23.23
CA ASP A 34 22.70 -3.40 -24.51
C ASP A 34 23.12 -4.86 -24.28
N LEU A 35 23.59 -5.15 -23.08
CA LEU A 35 24.01 -6.51 -22.72
C LEU A 35 22.86 -7.28 -22.05
N LYS A 36 21.65 -6.80 -22.28
CA LYS A 36 20.43 -7.43 -21.76
C LYS A 36 20.31 -7.53 -20.24
N GLU A 37 20.83 -6.54 -19.51
CA GLU A 37 20.73 -6.53 -18.05
C GLU A 37 19.42 -5.76 -17.81
N ASN A 38 18.35 -6.47 -17.47
CA ASN A 38 17.04 -5.85 -17.31
C ASN A 38 16.96 -4.63 -16.39
N SER A 39 17.70 -4.63 -15.28
CA SER A 39 17.67 -3.49 -14.37
C SER A 39 18.41 -2.31 -15.01
N GLY A 40 19.29 -2.63 -15.95
CA GLY A 40 20.04 -1.59 -16.64
C GLY A 40 19.09 -0.84 -17.56
N CYS A 41 18.24 -1.59 -18.28
CA CYS A 41 17.28 -0.95 -19.17
C CYS A 41 16.28 -0.12 -18.34
N PHE A 42 15.81 -0.71 -17.24
CA PHE A 42 14.87 -0.02 -16.37
C PHE A 42 15.45 1.34 -15.93
N ASN A 43 16.64 1.31 -15.35
CA ASN A 43 17.27 2.54 -14.88
C ASN A 43 17.46 3.54 -16.00
N LEU A 44 17.75 3.05 -17.20
CA LEU A 44 17.90 3.96 -18.32
C LEU A 44 16.57 4.65 -18.58
N GLY A 45 15.47 3.90 -18.43
CA GLY A 45 14.15 4.45 -18.62
C GLY A 45 13.85 5.54 -17.60
N VAL A 46 14.30 5.31 -16.36
CA VAL A 46 14.12 6.29 -15.29
C VAL A 46 14.80 7.61 -15.65
N LEU A 47 16.00 7.53 -16.24
CA LEU A 47 16.73 8.75 -16.62
C LEU A 47 15.96 9.59 -17.65
N TYR A 48 15.38 8.93 -18.65
CA TYR A 48 14.59 9.64 -19.66
C TYR A 48 13.32 10.20 -19.03
N TYR A 49 12.75 9.45 -18.09
CA TYR A 49 11.53 9.88 -17.40
C TYR A 49 11.78 11.13 -16.56
N GLN A 50 12.96 11.20 -15.92
CA GLN A 50 13.31 12.32 -15.05
C GLN A 50 14.16 13.41 -15.72
N GLY A 51 14.62 13.15 -16.95
CA GLY A 51 15.44 14.14 -17.64
C GLY A 51 16.79 14.29 -16.95
N GLN A 52 17.34 13.18 -16.50
CA GLN A 52 18.62 13.18 -15.81
C GLN A 52 19.68 12.56 -16.69
N GLY A 53 20.60 13.40 -17.15
CA GLY A 53 21.66 12.92 -18.03
C GLY A 53 21.22 12.97 -19.48
N VAL A 54 19.96 13.34 -19.68
CA VAL A 54 19.42 13.44 -21.03
C VAL A 54 18.13 14.28 -20.99
N GLU A 55 17.73 14.81 -22.15
CA GLU A 55 16.51 15.59 -22.21
C GLU A 55 15.35 14.68 -21.83
N LYS A 56 14.42 15.19 -21.02
CA LYS A 56 13.28 14.41 -20.59
C LYS A 56 12.42 14.01 -21.80
N ASN A 57 12.00 12.75 -21.83
CA ASN A 57 11.17 12.23 -22.92
C ASN A 57 10.52 10.96 -22.38
N LEU A 58 9.25 11.04 -21.98
CA LEU A 58 8.57 9.89 -21.40
C LEU A 58 8.22 8.80 -22.40
N LYS A 59 8.24 9.12 -23.69
CA LYS A 59 7.95 8.10 -24.68
C LYS A 59 9.17 7.18 -24.75
N LYS A 60 10.36 7.77 -24.71
CA LYS A 60 11.59 6.99 -24.74
C LYS A 60 11.69 6.19 -23.44
N ALA A 61 11.27 6.81 -22.34
CA ALA A 61 11.29 6.14 -21.04
C ALA A 61 10.45 4.87 -21.14
N ALA A 62 9.28 5.00 -21.77
CA ALA A 62 8.37 3.86 -21.94
C ALA A 62 9.03 2.75 -22.76
N SER A 63 9.75 3.11 -23.81
CA SER A 63 10.39 2.08 -24.62
C SER A 63 11.42 1.30 -23.81
N PHE A 64 12.09 1.97 -22.87
CA PHE A 64 13.07 1.27 -22.06
C PHE A 64 12.40 0.45 -20.97
N TYR A 65 11.25 0.89 -20.50
CA TYR A 65 10.53 0.11 -19.50
C TYR A 65 10.05 -1.13 -20.22
N ALA A 66 9.65 -0.96 -21.49
CA ALA A 66 9.17 -2.09 -22.29
C ALA A 66 10.30 -3.10 -22.51
N LYS A 67 11.52 -2.60 -22.69
CA LYS A 67 12.65 -3.51 -22.89
C LYS A 67 12.92 -4.25 -21.58
N ALA A 68 12.82 -3.54 -20.46
CA ALA A 68 13.05 -4.18 -19.18
C ALA A 68 11.96 -5.22 -18.94
N CYS A 69 10.73 -4.88 -19.28
CA CYS A 69 9.65 -5.82 -19.07
C CYS A 69 9.83 -7.07 -19.94
N ASP A 70 10.32 -6.90 -21.16
CA ASP A 70 10.56 -8.06 -22.02
C ASP A 70 11.65 -8.95 -21.43
N LEU A 71 12.55 -8.33 -20.66
CA LEU A 71 13.64 -9.03 -19.99
C LEU A 71 13.18 -9.47 -18.60
N ASN A 72 11.87 -9.46 -18.41
CA ASN A 72 11.23 -9.87 -17.17
C ASN A 72 11.55 -9.13 -15.89
N TYR A 73 11.66 -7.81 -15.98
CA TYR A 73 11.90 -7.00 -14.81
C TYR A 73 10.50 -6.52 -14.41
N SER A 74 9.88 -7.21 -13.45
CA SER A 74 8.53 -6.90 -13.01
C SER A 74 8.21 -5.43 -12.83
N ASN A 75 9.12 -4.69 -12.20
CA ASN A 75 8.94 -3.26 -11.94
C ASN A 75 8.79 -2.49 -13.26
N GLY A 76 9.44 -3.00 -14.31
CA GLY A 76 9.35 -2.35 -15.60
C GLY A 76 7.97 -2.53 -16.19
N CYS A 77 7.44 -3.74 -16.04
CA CYS A 77 6.10 -4.04 -16.53
C CYS A 77 5.10 -3.15 -15.78
N HIS A 78 5.26 -3.04 -14.48
CA HIS A 78 4.34 -2.23 -13.69
C HIS A 78 4.32 -0.76 -14.08
N LEU A 79 5.47 -0.10 -14.18
CA LEU A 79 5.47 1.31 -14.56
C LEU A 79 4.87 1.52 -15.94
N LEU A 80 5.14 0.59 -16.85
CA LEU A 80 4.58 0.69 -18.20
C LEU A 80 3.06 0.56 -18.09
N GLY A 81 2.62 -0.27 -17.15
CA GLY A 81 1.20 -0.44 -16.94
C GLY A 81 0.61 0.92 -16.54
N ASN A 82 1.31 1.62 -15.65
CA ASN A 82 0.87 2.94 -15.21
C ASN A 82 0.85 3.94 -16.36
N LEU A 83 1.83 3.87 -17.25
CA LEU A 83 1.89 4.82 -18.36
C LEU A 83 0.70 4.63 -19.29
N TYR A 84 0.41 3.39 -19.68
CA TYR A 84 -0.74 3.14 -20.55
C TYR A 84 -2.07 3.44 -19.86
N TYR A 85 -2.15 3.15 -18.57
CA TYR A 85 -3.38 3.42 -17.83
C TYR A 85 -3.72 4.90 -17.86
N SER A 86 -2.75 5.75 -17.57
CA SER A 86 -2.96 7.20 -17.55
C SER A 86 -2.76 7.91 -18.87
N GLY A 87 -2.09 7.24 -19.82
CA GLY A 87 -1.82 7.91 -21.08
C GLY A 87 -0.67 8.89 -20.86
N GLN A 88 0.31 8.46 -20.06
CA GLN A 88 1.48 9.29 -19.76
C GLN A 88 2.64 8.75 -20.60
N GLY A 89 3.26 9.63 -21.40
CA GLY A 89 4.37 9.21 -22.24
C GLY A 89 3.91 8.51 -23.52
N VAL A 90 2.87 7.70 -23.40
CA VAL A 90 2.30 6.99 -24.53
C VAL A 90 0.79 7.27 -24.49
N SER A 91 0.08 6.94 -25.56
CA SER A 91 -1.36 7.18 -25.59
C SER A 91 -2.07 6.23 -24.64
N GLN A 92 -3.12 6.73 -23.99
CA GLN A 92 -3.90 5.93 -23.06
C GLN A 92 -4.37 4.67 -23.74
N ASN A 93 -4.28 3.55 -23.05
CA ASN A 93 -4.71 2.28 -23.61
C ASN A 93 -4.94 1.31 -22.46
N THR A 94 -6.21 1.14 -22.08
CA THR A 94 -6.55 0.26 -20.97
C THR A 94 -6.13 -1.18 -21.21
N ASN A 95 -6.38 -1.68 -22.40
CA ASN A 95 -6.02 -3.04 -22.76
C ASN A 95 -4.54 -3.32 -22.46
N LYS A 96 -3.66 -2.44 -22.94
CA LYS A 96 -2.23 -2.62 -22.70
C LYS A 96 -1.87 -2.47 -21.23
N ALA A 97 -2.55 -1.56 -20.53
CA ALA A 97 -2.28 -1.37 -19.12
C ALA A 97 -2.54 -2.68 -18.38
N LEU A 98 -3.72 -3.26 -18.62
CA LEU A 98 -4.09 -4.52 -17.97
C LEU A 98 -3.06 -5.60 -18.31
N GLN A 99 -2.61 -5.62 -19.56
CA GLN A 99 -1.61 -6.60 -20.01
C GLN A 99 -0.33 -6.48 -19.19
N TYR A 100 0.21 -5.27 -19.10
CA TYR A 100 1.45 -5.08 -18.35
C TYR A 100 1.29 -5.29 -16.83
N TYR A 101 0.18 -4.82 -16.25
CA TYR A 101 -0.02 -5.03 -14.81
C TYR A 101 -0.07 -6.53 -14.57
N SER A 102 -0.75 -7.24 -15.46
CA SER A 102 -0.90 -8.67 -15.32
C SER A 102 0.45 -9.40 -15.33
N LYS A 103 1.34 -9.00 -16.23
CA LYS A 103 2.65 -9.64 -16.28
C LYS A 103 3.42 -9.29 -15.01
N ALA A 104 3.32 -8.04 -14.55
CA ALA A 104 4.01 -7.63 -13.34
C ALA A 104 3.53 -8.50 -12.20
N CYS A 105 2.23 -8.75 -12.16
CA CYS A 105 1.64 -9.60 -11.12
C CYS A 105 2.12 -11.04 -11.26
N ASP A 106 2.19 -11.56 -12.49
CA ASP A 106 2.65 -12.92 -12.71
C ASP A 106 4.11 -13.06 -12.30
N LEU A 107 4.84 -11.96 -12.41
CA LEU A 107 6.25 -11.91 -12.05
C LEU A 107 6.40 -11.61 -10.56
N LYS A 108 5.31 -11.74 -9.82
CA LYS A 108 5.30 -11.53 -8.38
C LYS A 108 5.49 -10.11 -7.86
N TYR A 109 5.12 -9.11 -8.65
CA TYR A 109 5.25 -7.74 -8.19
C TYR A 109 3.90 -7.38 -7.57
N ALA A 110 3.86 -7.40 -6.24
CA ALA A 110 2.63 -7.11 -5.48
C ALA A 110 1.79 -5.95 -6.01
N GLU A 111 2.42 -4.81 -6.22
CA GLU A 111 1.73 -3.62 -6.72
C GLU A 111 0.96 -3.85 -8.01
N GLY A 112 1.48 -4.73 -8.86
CA GLY A 112 0.80 -5.00 -10.12
C GLY A 112 -0.53 -5.68 -9.85
N CYS A 113 -0.50 -6.67 -8.96
CA CYS A 113 -1.70 -7.41 -8.61
C CYS A 113 -2.70 -6.44 -7.97
N ALA A 114 -2.19 -5.54 -7.14
CA ALA A 114 -3.01 -4.55 -6.44
C ALA A 114 -3.67 -3.59 -7.42
N SER A 115 -2.91 -3.12 -8.42
CA SER A 115 -3.45 -2.21 -9.41
C SER A 115 -4.60 -2.86 -10.15
N LEU A 116 -4.45 -4.13 -10.48
CA LEU A 116 -5.48 -4.87 -11.20
C LEU A 116 -6.72 -5.06 -10.33
N GLY A 117 -6.50 -5.37 -9.05
CA GLY A 117 -7.63 -5.57 -8.16
C GLY A 117 -8.39 -4.26 -8.02
N GLY A 118 -7.65 -3.15 -7.98
CA GLY A 118 -8.26 -1.84 -7.84
C GLY A 118 -9.06 -1.43 -9.05
N ILE A 119 -8.61 -1.85 -10.23
CA ILE A 119 -9.27 -1.55 -11.48
C ILE A 119 -10.60 -2.29 -11.59
N TYR A 120 -10.59 -3.58 -11.31
CA TYR A 120 -11.80 -4.39 -11.38
C TYR A 120 -12.76 -4.08 -10.22
N HIS A 121 -12.21 -3.50 -9.15
CA HIS A 121 -13.01 -3.14 -7.99
C HIS A 121 -13.76 -1.84 -8.21
N ASP A 122 -13.08 -0.85 -8.78
CA ASP A 122 -13.72 0.44 -9.03
C ASP A 122 -14.54 0.45 -10.30
N GLY A 123 -14.18 -0.41 -11.24
CA GLY A 123 -14.90 -0.49 -12.49
C GLY A 123 -15.03 0.82 -13.24
N LYS A 124 -13.95 1.58 -13.33
CA LYS A 124 -13.96 2.87 -14.02
C LYS A 124 -13.51 2.73 -15.48
N VAL A 125 -12.48 1.95 -15.71
CA VAL A 125 -11.96 1.74 -17.06
C VAL A 125 -12.42 0.38 -17.59
N VAL A 126 -13.02 -0.40 -16.71
CA VAL A 126 -13.55 -1.72 -17.06
C VAL A 126 -14.85 -1.93 -16.30
N THR A 127 -15.57 -2.99 -16.64
CA THR A 127 -16.82 -3.31 -15.97
C THR A 127 -16.44 -3.85 -14.60
N ARG A 128 -17.05 -3.32 -13.54
CA ARG A 128 -16.74 -3.76 -12.19
C ARG A 128 -16.85 -5.28 -12.08
N ASP A 129 -15.93 -5.89 -11.35
CA ASP A 129 -15.91 -7.34 -11.16
C ASP A 129 -15.30 -7.65 -9.79
N PHE A 130 -16.15 -7.69 -8.77
CA PHE A 130 -15.66 -7.98 -7.42
C PHE A 130 -14.96 -9.32 -7.34
N LYS A 131 -15.39 -10.26 -8.17
CA LYS A 131 -14.79 -11.59 -8.19
C LYS A 131 -13.31 -11.46 -8.54
N LYS A 132 -13.01 -10.77 -9.63
CA LYS A 132 -11.62 -10.60 -10.04
C LYS A 132 -10.88 -9.73 -9.04
N ALA A 133 -11.57 -8.73 -8.48
CA ALA A 133 -10.95 -7.86 -7.49
C ALA A 133 -10.46 -8.69 -6.31
N VAL A 134 -11.25 -9.69 -5.91
CA VAL A 134 -10.86 -10.54 -4.79
C VAL A 134 -9.64 -11.38 -5.16
N GLU A 135 -9.67 -11.96 -6.36
CA GLU A 135 -8.57 -12.80 -6.82
C GLU A 135 -7.24 -12.04 -6.87
N TYR A 136 -7.25 -10.84 -7.47
CA TYR A 136 -6.03 -10.05 -7.57
C TYR A 136 -5.57 -9.50 -6.23
N PHE A 137 -6.52 -9.06 -5.39
CA PHE A 137 -6.15 -8.56 -4.09
C PHE A 137 -5.64 -9.72 -3.21
N THR A 138 -6.11 -10.93 -3.50
CA THR A 138 -5.65 -12.09 -2.74
C THR A 138 -4.18 -12.32 -3.08
N LYS A 139 -3.84 -12.13 -4.36
CA LYS A 139 -2.46 -12.29 -4.81
C LYS A 139 -1.59 -11.17 -4.24
N ALA A 140 -2.12 -9.95 -4.26
CA ALA A 140 -1.39 -8.81 -3.73
C ALA A 140 -1.12 -9.03 -2.24
N CYS A 141 -2.15 -9.48 -1.51
CA CYS A 141 -1.97 -9.72 -0.08
C CYS A 141 -0.98 -10.85 0.19
N ASP A 142 -1.06 -11.92 -0.62
CA ASP A 142 -0.12 -13.03 -0.43
C ASP A 142 1.30 -12.57 -0.72
N LEU A 143 1.43 -11.51 -1.52
CA LEU A 143 2.73 -10.96 -1.86
C LEU A 143 3.14 -9.83 -0.92
N ASN A 144 2.47 -9.77 0.24
CA ASN A 144 2.75 -8.78 1.27
C ASN A 144 2.40 -7.32 1.00
N ASP A 145 1.37 -7.08 0.20
CA ASP A 145 0.97 -5.69 -0.06
C ASP A 145 -0.03 -5.29 1.02
N GLY A 146 0.42 -4.55 2.03
CA GLY A 146 -0.43 -4.12 3.12
C GLY A 146 -1.80 -3.60 2.75
N ASP A 147 -1.86 -2.56 1.93
CA ASP A 147 -3.14 -1.98 1.52
C ASP A 147 -4.01 -3.02 0.84
N GLY A 148 -3.39 -3.89 0.06
CA GLY A 148 -4.14 -4.93 -0.61
C GLY A 148 -4.86 -5.83 0.38
N CYS A 149 -4.16 -6.24 1.43
CA CYS A 149 -4.75 -7.09 2.46
C CYS A 149 -5.95 -6.41 3.11
N THR A 150 -5.82 -5.12 3.41
CA THR A 150 -6.90 -4.37 4.02
C THR A 150 -8.14 -4.31 3.12
N ILE A 151 -7.93 -4.02 1.84
CA ILE A 151 -9.04 -3.97 0.89
C ILE A 151 -9.66 -5.36 0.81
N LEU A 152 -8.82 -6.38 0.72
CA LEU A 152 -9.29 -7.76 0.66
C LEU A 152 -10.13 -8.02 1.91
N GLY A 153 -9.65 -7.51 3.05
CA GLY A 153 -10.38 -7.70 4.29
C GLY A 153 -11.79 -7.16 4.16
N SER A 154 -11.92 -5.96 3.59
CA SER A 154 -13.23 -5.34 3.43
C SER A 154 -14.12 -6.14 2.48
N LEU A 155 -13.52 -6.82 1.51
CA LEU A 155 -14.30 -7.61 0.55
C LEU A 155 -14.86 -8.84 1.27
N TYR A 156 -14.05 -9.46 2.12
CA TYR A 156 -14.50 -10.62 2.88
C TYR A 156 -15.61 -10.23 3.85
N ASP A 157 -15.43 -9.08 4.50
CA ASP A 157 -16.42 -8.60 5.45
C ASP A 157 -17.75 -8.31 4.76
N ALA A 158 -17.68 -7.67 3.60
CA ALA A 158 -18.89 -7.34 2.86
C ALA A 158 -19.42 -8.52 2.06
N GLY A 159 -18.57 -9.52 1.82
CA GLY A 159 -18.99 -10.67 1.05
C GLY A 159 -19.18 -10.33 -0.41
N ARG A 160 -18.29 -9.51 -0.95
CA ARG A 160 -18.36 -9.13 -2.37
C ARG A 160 -17.29 -9.86 -3.15
N GLY A 161 -17.70 -10.57 -4.18
CA GLY A 161 -16.76 -11.31 -5.00
C GLY A 161 -16.28 -12.56 -4.30
N THR A 162 -16.83 -12.80 -3.12
CA THR A 162 -16.45 -13.96 -2.32
C THR A 162 -17.45 -14.11 -1.17
N PRO A 163 -17.62 -15.32 -0.64
CA PRO A 163 -18.56 -15.53 0.48
C PRO A 163 -18.21 -14.66 1.69
N LYS A 164 -19.21 -14.06 2.32
CA LYS A 164 -18.96 -13.24 3.50
C LYS A 164 -18.31 -14.11 4.56
N ASP A 165 -17.11 -13.74 5.00
CA ASP A 165 -16.41 -14.53 6.00
C ASP A 165 -15.63 -13.58 6.90
N LEU A 166 -16.18 -13.34 8.09
CA LEU A 166 -15.56 -12.45 9.06
C LEU A 166 -14.21 -12.95 9.56
N LYS A 167 -14.03 -14.27 9.61
CA LYS A 167 -12.77 -14.83 10.06
C LYS A 167 -11.67 -14.52 9.04
N LYS A 168 -12.00 -14.63 7.76
CA LYS A 168 -11.03 -14.34 6.71
C LYS A 168 -10.80 -12.83 6.66
N ALA A 169 -11.86 -12.05 6.89
CA ALA A 169 -11.73 -10.60 6.89
C ALA A 169 -10.72 -10.19 7.97
N LEU A 170 -10.87 -10.74 9.17
CA LEU A 170 -9.99 -10.44 10.29
C LEU A 170 -8.56 -10.87 10.02
N ALA A 171 -8.38 -12.04 9.41
CA ALA A 171 -7.04 -12.55 9.08
C ALA A 171 -6.36 -11.56 8.13
N SER A 172 -7.11 -11.10 7.13
CA SER A 172 -6.58 -10.14 6.16
C SER A 172 -6.17 -8.84 6.85
N TYR A 173 -7.08 -8.27 7.65
CA TYR A 173 -6.80 -7.03 8.36
C TYR A 173 -5.60 -7.24 9.29
N ASP A 174 -5.57 -8.39 9.95
CA ASP A 174 -4.48 -8.71 10.87
C ASP A 174 -3.13 -8.74 10.15
N LYS A 175 -3.11 -9.38 8.99
CA LYS A 175 -1.88 -9.46 8.21
C LYS A 175 -1.50 -8.05 7.77
N ALA A 176 -2.50 -7.28 7.37
CA ALA A 176 -2.27 -5.91 6.94
C ALA A 176 -1.65 -5.15 8.11
N CYS A 177 -2.11 -5.46 9.32
CA CYS A 177 -1.59 -4.80 10.51
C CYS A 177 -0.13 -5.20 10.71
N ASP A 178 0.19 -6.47 10.50
CA ASP A 178 1.58 -6.92 10.63
C ASP A 178 2.43 -6.22 9.58
N LEU A 179 1.80 -5.91 8.45
CA LEU A 179 2.49 -5.25 7.35
C LEU A 179 2.55 -3.75 7.58
N LYS A 180 2.25 -3.32 8.80
CA LYS A 180 2.28 -1.91 9.18
C LYS A 180 1.20 -1.03 8.56
N ASP A 181 0.08 -1.62 8.14
CA ASP A 181 -1.01 -0.83 7.56
C ASP A 181 -1.98 -0.48 8.69
N SER A 182 -1.92 0.76 9.19
CA SER A 182 -2.77 1.19 10.30
C SER A 182 -4.26 0.97 10.10
N PRO A 183 -4.79 1.22 8.89
CA PRO A 183 -6.22 1.00 8.69
C PRO A 183 -6.53 -0.46 9.01
N GLY A 184 -5.57 -1.33 8.74
CA GLY A 184 -5.75 -2.74 9.01
C GLY A 184 -5.79 -3.02 10.50
N CYS A 185 -4.88 -2.39 11.24
CA CYS A 185 -4.84 -2.57 12.69
C CYS A 185 -6.15 -2.05 13.29
N PHE A 186 -6.63 -0.94 12.76
CA PHE A 186 -7.88 -0.33 13.22
C PHE A 186 -9.04 -1.31 13.10
N ASN A 187 -9.30 -1.74 11.86
CA ASN A 187 -10.39 -2.68 11.60
C ASN A 187 -10.22 -3.98 12.38
N ALA A 188 -8.98 -4.46 12.48
CA ALA A 188 -8.71 -5.68 13.21
C ALA A 188 -9.10 -5.48 14.68
N GLY A 189 -8.74 -4.32 15.22
CA GLY A 189 -9.07 -4.01 16.60
C GLY A 189 -10.57 -4.00 16.81
N ASN A 190 -11.29 -3.36 15.88
CA ASN A 190 -12.74 -3.26 15.95
C ASN A 190 -13.37 -4.64 16.02
N MET A 191 -12.94 -5.53 15.13
CA MET A 191 -13.49 -6.87 15.09
C MET A 191 -13.22 -7.63 16.39
N TYR A 192 -12.02 -7.44 16.94
CA TYR A 192 -11.66 -8.10 18.21
C TYR A 192 -12.45 -7.53 19.38
N HIS A 193 -12.84 -6.26 19.26
CA HIS A 193 -13.59 -5.59 20.31
C HIS A 193 -15.08 -5.88 20.20
N HIS A 194 -15.54 -6.21 19.00
CA HIS A 194 -16.94 -6.52 18.77
C HIS A 194 -17.20 -8.02 18.66
N GLY A 195 -16.13 -8.80 18.76
CA GLY A 195 -16.26 -10.25 18.66
C GLY A 195 -16.73 -10.69 17.28
N GLU A 196 -16.15 -10.09 16.24
CA GLU A 196 -16.49 -10.41 14.85
C GLU A 196 -15.31 -11.11 14.18
N GLY A 197 -15.54 -12.33 13.69
CA GLY A 197 -14.49 -13.08 13.04
C GLY A 197 -13.67 -13.83 14.06
N ALA A 198 -13.96 -13.58 15.33
CA ALA A 198 -13.28 -14.22 16.45
C ALA A 198 -14.00 -13.84 17.74
N THR A 199 -13.75 -14.63 18.79
CA THR A 199 -14.38 -14.37 20.08
C THR A 199 -13.91 -13.04 20.65
N LYS A 200 -14.82 -12.32 21.30
CA LYS A 200 -14.49 -11.02 21.92
C LYS A 200 -13.20 -11.14 22.73
N ASN A 201 -12.28 -10.21 22.51
CA ASN A 201 -11.02 -10.23 23.23
C ASN A 201 -10.47 -8.82 23.34
N PHE A 202 -10.82 -8.14 24.42
CA PHE A 202 -10.36 -6.77 24.64
C PHE A 202 -8.84 -6.68 24.66
N LYS A 203 -8.19 -7.76 25.10
CA LYS A 203 -6.73 -7.79 25.15
C LYS A 203 -6.15 -7.61 23.75
N GLU A 204 -6.66 -8.41 22.80
CA GLU A 204 -6.19 -8.33 21.42
C GLU A 204 -6.54 -6.99 20.81
N ALA A 205 -7.77 -6.53 21.03
CA ALA A 205 -8.22 -5.25 20.51
C ALA A 205 -7.28 -4.15 21.00
N LEU A 206 -6.84 -4.26 22.25
CA LEU A 206 -5.94 -3.28 22.84
C LEU A 206 -4.63 -3.19 22.06
N ALA A 207 -4.07 -4.36 21.73
CA ALA A 207 -2.82 -4.40 20.98
C ALA A 207 -3.02 -3.82 19.59
N ARG A 208 -4.14 -4.15 18.97
CA ARG A 208 -4.45 -3.66 17.63
C ARG A 208 -4.58 -2.13 17.65
N TYR A 209 -5.44 -1.62 18.53
CA TYR A 209 -5.64 -0.19 18.65
C TYR A 209 -4.34 0.54 18.98
N SER A 210 -3.52 -0.05 19.84
CA SER A 210 -2.26 0.57 20.21
C SER A 210 -1.34 0.67 18.99
N LYS A 211 -1.24 -0.42 18.22
CA LYS A 211 -0.39 -0.40 17.03
C LYS A 211 -0.91 0.63 16.04
N ALA A 212 -2.22 0.66 15.86
CA ALA A 212 -2.83 1.60 14.95
C ALA A 212 -2.52 3.02 15.41
N CYS A 213 -2.68 3.26 16.71
CA CYS A 213 -2.42 4.58 17.26
C CYS A 213 -0.95 4.96 17.09
N GLU A 214 -0.06 4.00 17.25
CA GLU A 214 1.37 4.27 17.09
C GLU A 214 1.68 4.62 15.64
N LEU A 215 0.93 4.04 14.72
CA LEU A 215 1.12 4.30 13.29
C LEU A 215 0.44 5.60 12.89
N GLU A 216 0.11 6.41 13.90
CA GLU A 216 -0.54 7.70 13.68
C GLU A 216 -1.97 7.60 13.16
N ASN A 217 -2.71 6.57 13.57
CA ASN A 217 -4.08 6.42 13.12
C ASN A 217 -5.03 7.06 14.13
N GLY A 218 -5.67 8.16 13.72
CA GLY A 218 -6.60 8.87 14.59
C GLY A 218 -7.59 7.97 15.29
N GLY A 219 -8.42 7.29 14.50
CA GLY A 219 -9.42 6.40 15.07
C GLY A 219 -8.80 5.34 15.96
N GLY A 220 -7.52 5.06 15.76
CA GLY A 220 -6.85 4.07 16.57
C GLY A 220 -6.62 4.54 17.99
N CYS A 221 -6.15 5.78 18.12
CA CYS A 221 -5.90 6.35 19.43
C CYS A 221 -7.23 6.61 20.15
N PHE A 222 -8.21 7.06 19.39
CA PHE A 222 -9.54 7.34 19.92
C PHE A 222 -10.19 6.11 20.53
N ASN A 223 -10.31 5.04 19.73
CA ASN A 223 -10.91 3.80 20.20
C ASN A 223 -10.09 3.22 21.35
N LEU A 224 -8.78 3.46 21.33
CA LEU A 224 -7.90 2.97 22.38
C LEU A 224 -8.20 3.71 23.67
N GLY A 225 -8.47 5.01 23.55
CA GLY A 225 -8.79 5.81 24.71
C GLY A 225 -10.09 5.35 25.34
N ALA A 226 -11.07 5.05 24.51
CA ALA A 226 -12.37 4.59 24.98
C ALA A 226 -12.22 3.29 25.75
N MET A 227 -11.25 2.46 25.33
CA MET A 227 -10.98 1.18 25.99
C MET A 227 -10.56 1.40 27.44
N GLN A 228 -9.65 2.35 27.63
CA GLN A 228 -9.12 2.68 28.95
C GLN A 228 -10.11 3.46 29.79
N TYR A 229 -10.85 4.37 29.16
CA TYR A 229 -11.83 5.19 29.85
C TYR A 229 -12.95 4.32 30.42
N ASN A 230 -13.10 3.11 29.90
CA ASN A 230 -14.13 2.20 30.38
C ASN A 230 -13.50 0.97 31.02
N GLY A 231 -12.17 0.99 31.15
CA GLY A 231 -11.47 -0.13 31.73
C GLY A 231 -11.83 -1.46 31.09
N GLU A 232 -12.08 -1.44 29.79
CA GLU A 232 -12.45 -2.66 29.06
C GLU A 232 -11.24 -3.57 28.87
N GLY A 233 -10.28 -3.10 28.08
CA GLY A 233 -9.08 -3.90 27.85
C GLY A 233 -8.31 -4.12 29.12
N VAL A 234 -7.61 -3.09 29.57
CA VAL A 234 -6.82 -3.17 30.80
C VAL A 234 -7.69 -2.91 32.02
N THR A 235 -7.04 -2.68 33.16
CA THR A 235 -7.73 -2.42 34.41
C THR A 235 -8.69 -1.23 34.31
N ARG A 236 -8.14 -0.03 34.37
CA ARG A 236 -8.92 1.20 34.30
C ARG A 236 -7.94 2.36 34.30
N ASN A 237 -8.25 3.39 33.50
CA ASN A 237 -7.38 4.55 33.42
C ASN A 237 -8.06 5.68 32.65
N GLU A 238 -7.99 6.88 33.20
CA GLU A 238 -8.60 8.04 32.57
C GLU A 238 -7.58 9.13 32.29
N LYS A 239 -6.61 9.28 33.18
CA LYS A 239 -5.59 10.30 33.04
C LYS A 239 -4.66 10.04 31.86
N GLN A 240 -4.67 8.79 31.36
CA GLN A 240 -3.82 8.43 30.22
C GLN A 240 -4.69 8.14 29.01
N ALA A 241 -5.96 7.85 29.26
CA ALA A 241 -6.92 7.58 28.19
C ALA A 241 -7.25 8.89 27.51
N ILE A 242 -7.23 9.97 28.30
CA ILE A 242 -7.52 11.31 27.80
C ILE A 242 -6.34 11.78 26.97
N GLU A 243 -5.19 11.16 27.21
CA GLU A 243 -3.97 11.48 26.48
C GLU A 243 -4.13 10.99 25.04
N ASN A 244 -4.57 9.75 24.90
CA ASN A 244 -4.78 9.15 23.59
C ASN A 244 -5.90 9.90 22.88
N PHE A 245 -6.88 10.39 23.65
CA PHE A 245 -7.99 11.14 23.08
C PHE A 245 -7.50 12.39 22.38
N LYS A 246 -6.54 13.07 23.00
CA LYS A 246 -5.98 14.29 22.42
C LYS A 246 -5.27 13.97 21.11
N LYS A 247 -4.46 12.91 21.12
CA LYS A 247 -3.73 12.48 19.93
C LYS A 247 -4.72 12.15 18.82
N GLY A 248 -5.78 11.42 19.17
CA GLY A 248 -6.78 11.07 18.19
C GLY A 248 -7.37 12.32 17.57
N CYS A 249 -7.76 13.26 18.41
CA CYS A 249 -8.33 14.51 17.93
C CYS A 249 -7.34 15.23 17.02
N LYS A 250 -6.08 15.26 17.45
CA LYS A 250 -5.02 15.90 16.67
C LYS A 250 -4.94 15.25 15.28
N LEU A 251 -4.93 13.91 15.27
CA LEU A 251 -4.84 13.16 14.02
C LEU A 251 -6.11 13.25 13.18
N GLY A 252 -7.16 13.82 13.75
CA GLY A 252 -8.41 13.95 13.01
C GLY A 252 -9.63 13.24 13.56
N ALA A 253 -9.46 12.47 14.63
CA ALA A 253 -10.58 11.75 15.23
C ALA A 253 -11.54 12.74 15.88
N LYS A 254 -12.65 13.03 15.21
CA LYS A 254 -13.64 13.97 15.72
C LYS A 254 -14.18 13.54 17.08
N GLY A 255 -14.60 12.29 17.19
CA GLY A 255 -15.13 11.78 18.44
C GLY A 255 -14.21 12.06 19.61
N ALA A 256 -12.90 12.10 19.34
CA ALA A 256 -11.91 12.37 20.37
C ALA A 256 -11.93 13.84 20.77
N CYS A 257 -12.10 14.71 19.78
CA CYS A 257 -12.13 16.14 20.03
C CYS A 257 -13.29 16.50 20.95
N ASP A 258 -14.48 16.11 20.53
CA ASP A 258 -15.70 16.38 21.28
C ASP A 258 -15.64 15.79 22.69
N ILE A 259 -15.31 14.51 22.77
CA ILE A 259 -15.24 13.83 24.05
C ILE A 259 -14.28 14.55 25.00
N LEU A 260 -13.24 15.14 24.43
CA LEU A 260 -12.24 15.86 25.21
C LEU A 260 -12.83 17.15 25.80
N LYS A 261 -13.80 17.72 25.09
CA LYS A 261 -14.46 18.95 25.52
C LYS A 261 -15.32 18.72 26.76
N GLN A 262 -15.69 17.47 26.99
CA GLN A 262 -16.52 17.13 28.14
C GLN A 262 -15.71 16.53 29.27
N LEU A 263 -14.41 16.37 29.07
CA LEU A 263 -13.54 15.81 30.09
C LEU A 263 -12.65 16.90 30.67
N LYS A 264 -13.13 18.15 30.57
CA LYS A 264 -12.39 19.30 31.06
C LYS A 264 -12.84 19.63 32.49
N ILE A 265 -12.85 18.60 33.34
CA ILE A 265 -13.25 18.73 34.74
C ILE A 265 -12.06 18.60 35.66
N LYS A 266 -11.49 19.72 36.09
CA LYS A 266 -10.33 19.67 36.96
C LYS A 266 -10.28 20.82 37.96
N VAL A 267 -9.60 20.59 39.08
CA VAL A 267 -9.44 21.60 40.12
C VAL A 267 -8.73 22.80 39.52
N HIS A 268 -9.24 23.99 39.80
CA HIS A 268 -8.66 25.22 39.28
C HIS A 268 -7.98 26.07 40.34
N HIS A 269 -6.99 26.85 39.91
CA HIS A 269 -6.24 27.73 40.78
C HIS A 269 -5.65 28.89 39.99
#